data_1WPR
#
_entry.id   1WPR
#
_cell.length_a   77.202
_cell.length_b   80.999
_cell.length_c   136.934
_cell.angle_alpha   90.00
_cell.angle_beta   90.00
_cell.angle_gamma   90.00
#
_symmetry.space_group_name_H-M   'P 21 21 21'
#
loop_
_entity.id
_entity.type
_entity.pdbx_description
1 polymer 'Sigma factor sigB regulation protein rsbQ'
2 non-polymer 'phenylmethanesulfonic acid'
3 non-polymer GLYCEROL
4 water water
#
_entity_poly.entity_id   1
_entity_poly.type   'polypeptide(L)'
_entity_poly.pdbx_seq_one_letter_code
;AGHMTSILSRNHVKVKGSGKASIMFAPGFGCDQSVWNAVAPAFEEDHRVILFDYVGSGHSDLRAYDLNRYQTLDGYAQDV
LDVCEALDLKETVFVGHSVGALIGMLASIRRPELFSHLVMVGPSPCYLNDPPEYYGGFEEEQLLGLLEMMEKNYIGWATV
FAATVLNQPDRPEIKEELESRFCSTDPVIARQFAKAAFFSDHREDLSKVTVPSLILQCADDIIAPATVGKYMHQHLPYSS
LKQMEARGHCPHMSHPDETIQLIGDYLKAHV
;
_entity_poly.pdbx_strand_id   A,B
#
# COMPACT_ATOMS: atom_id res chain seq x y z
N GLY A 2 -21.20 -29.97 -18.76
CA GLY A 2 -21.73 -29.96 -20.18
C GLY A 2 -20.80 -30.66 -21.15
N HIS A 3 -21.12 -30.61 -22.45
CA HIS A 3 -20.27 -31.24 -23.47
C HIS A 3 -19.27 -30.26 -24.12
N MET A 4 -18.29 -30.83 -24.82
CA MET A 4 -17.20 -30.10 -25.49
C MET A 4 -17.53 -28.70 -26.04
N THR A 5 -18.48 -28.65 -26.97
CA THR A 5 -18.90 -27.39 -27.56
C THR A 5 -19.36 -26.35 -26.51
N SER A 6 -20.11 -26.80 -25.50
CA SER A 6 -20.57 -25.89 -24.46
C SER A 6 -19.42 -25.36 -23.59
N ILE A 7 -18.50 -26.23 -23.20
CA ILE A 7 -17.37 -25.81 -22.40
C ILE A 7 -16.62 -24.80 -23.23
N LEU A 8 -16.50 -25.10 -24.51
CA LEU A 8 -15.80 -24.22 -25.43
C LEU A 8 -16.55 -22.88 -25.50
N SER A 9 -17.88 -22.94 -25.41
CA SER A 9 -18.62 -21.71 -25.45
C SER A 9 -18.47 -20.98 -24.13
N ARG A 10 -18.80 -21.65 -23.02
CA ARG A 10 -18.72 -20.96 -21.74
C ARG A 10 -17.39 -20.38 -21.31
N ASN A 11 -16.28 -21.01 -21.65
CA ASN A 11 -15.01 -20.45 -21.25
C ASN A 11 -14.30 -19.67 -22.38
N HIS A 12 -15.03 -19.38 -23.46
CA HIS A 12 -14.53 -18.62 -24.64
C HIS A 12 -13.18 -19.11 -25.08
N VAL A 13 -13.06 -20.43 -25.16
CA VAL A 13 -11.85 -21.11 -25.53
C VAL A 13 -11.47 -20.83 -26.97
N LYS A 14 -10.22 -20.46 -27.18
CA LYS A 14 -9.71 -20.23 -28.53
C LYS A 14 -8.35 -20.89 -28.59
N VAL A 15 -8.04 -21.50 -29.74
CA VAL A 15 -6.72 -22.06 -29.92
C VAL A 15 -6.01 -21.39 -31.10
N LYS A 16 -4.74 -21.05 -30.89
CA LYS A 16 -3.96 -20.40 -31.92
C LYS A 16 -2.57 -21.02 -32.01
N GLY A 17 -1.93 -20.86 -33.16
CA GLY A 17 -0.60 -21.35 -33.38
C GLY A 17 -0.50 -22.83 -33.68
N SER A 18 0.73 -23.35 -33.62
CA SER A 18 0.97 -24.77 -33.82
C SER A 18 2.31 -25.18 -33.18
N GLY A 19 2.37 -26.41 -32.73
CA GLY A 19 3.59 -26.88 -32.10
C GLY A 19 3.28 -28.25 -31.54
N LYS A 20 4.31 -28.95 -31.10
CA LYS A 20 4.12 -30.27 -30.52
C LYS A 20 3.49 -30.04 -29.14
N ALA A 21 3.93 -28.98 -28.45
CA ALA A 21 3.44 -28.61 -27.12
C ALA A 21 2.45 -27.43 -27.17
N SER A 22 1.64 -27.27 -26.11
CA SER A 22 0.68 -26.16 -26.01
C SER A 22 0.90 -25.35 -24.72
N ILE A 23 0.66 -24.05 -24.81
CA ILE A 23 0.78 -23.19 -23.65
C ILE A 23 -0.61 -22.60 -23.38
N MET A 24 -1.16 -22.87 -22.19
CA MET A 24 -2.48 -22.37 -21.82
C MET A 24 -2.30 -21.15 -20.93
N PHE A 25 -2.88 -20.00 -21.32
CA PHE A 25 -2.79 -18.75 -20.53
C PHE A 25 -4.04 -18.51 -19.69
N ALA A 26 -3.86 -18.23 -18.40
CA ALA A 26 -5.02 -18.00 -17.53
C ALA A 26 -5.01 -16.58 -16.97
N PRO A 27 -6.12 -15.86 -17.12
CA PRO A 27 -6.13 -14.48 -16.59
C PRO A 27 -6.10 -14.38 -15.06
N GLY A 28 -5.60 -13.26 -14.58
CA GLY A 28 -5.62 -13.01 -13.15
C GLY A 28 -7.00 -12.46 -12.84
N PHE A 29 -7.16 -11.87 -11.66
CA PHE A 29 -8.44 -11.32 -11.26
C PHE A 29 -8.96 -10.14 -12.08
N GLY A 30 -10.27 -10.13 -12.28
CA GLY A 30 -10.88 -9.07 -13.04
C GLY A 30 -10.48 -9.00 -14.50
N CYS A 31 -9.83 -10.04 -15.02
CA CYS A 31 -9.42 -10.00 -16.42
C CYS A 31 -9.95 -11.12 -17.31
N ASP A 32 -9.93 -10.88 -18.61
CA ASP A 32 -10.36 -11.87 -19.60
C ASP A 32 -9.10 -12.22 -20.42
N GLN A 33 -9.20 -13.19 -21.35
CA GLN A 33 -8.05 -13.62 -22.15
C GLN A 33 -7.30 -12.46 -22.80
N SER A 34 -8.04 -11.39 -23.00
CA SER A 34 -7.54 -10.17 -23.58
C SER A 34 -6.30 -9.62 -22.88
N VAL A 35 -6.12 -9.91 -21.59
CA VAL A 35 -4.92 -9.38 -20.89
C VAL A 35 -3.68 -9.99 -21.48
N TRP A 36 -3.83 -11.07 -22.22
CA TRP A 36 -2.68 -11.72 -22.79
C TRP A 36 -2.27 -11.30 -24.21
N ASN A 37 -2.96 -10.32 -24.80
CA ASN A 37 -2.70 -9.78 -26.17
C ASN A 37 -1.25 -9.40 -26.55
N ALA A 38 -0.51 -8.88 -25.58
CA ALA A 38 0.87 -8.45 -25.78
C ALA A 38 1.93 -9.53 -25.52
N VAL A 39 1.52 -10.65 -24.92
CA VAL A 39 2.45 -11.74 -24.58
C VAL A 39 2.20 -13.03 -25.32
N ALA A 40 0.98 -13.53 -25.26
CA ALA A 40 0.64 -14.82 -25.87
C ALA A 40 0.87 -15.01 -27.37
N PRO A 41 0.66 -13.98 -28.20
CA PRO A 41 0.90 -14.25 -29.63
C PRO A 41 2.35 -14.58 -29.98
N ALA A 42 3.26 -14.13 -29.14
CA ALA A 42 4.69 -14.40 -29.31
C ALA A 42 5.02 -15.89 -29.22
N PHE A 43 4.06 -16.72 -28.85
CA PHE A 43 4.33 -18.14 -28.70
C PHE A 43 3.52 -18.94 -29.69
N GLU A 44 2.85 -18.25 -30.61
CA GLU A 44 2.03 -18.96 -31.59
C GLU A 44 2.93 -19.58 -32.65
N GLU A 45 4.07 -18.92 -32.87
CA GLU A 45 5.00 -19.40 -33.86
C GLU A 45 5.47 -20.82 -33.55
N ASP A 46 5.75 -21.12 -32.28
CA ASP A 46 6.22 -22.47 -31.94
C ASP A 46 5.32 -23.35 -31.08
N HIS A 47 4.18 -22.84 -30.61
CA HIS A 47 3.27 -23.66 -29.78
C HIS A 47 1.81 -23.41 -30.11
N ARG A 48 0.98 -24.41 -29.84
CA ARG A 48 -0.46 -24.21 -29.96
C ARG A 48 -0.68 -23.34 -28.68
N VAL A 49 -1.29 -22.16 -28.83
CA VAL A 49 -1.57 -21.25 -27.72
C VAL A 49 -3.05 -21.32 -27.33
N ILE A 50 -3.31 -21.50 -26.04
CA ILE A 50 -4.69 -21.61 -25.56
C ILE A 50 -5.09 -20.46 -24.65
N LEU A 51 -6.18 -19.79 -25.01
CA LEU A 51 -6.75 -18.64 -24.27
C LEU A 51 -8.16 -18.99 -23.76
N PHE A 52 -8.59 -18.40 -22.65
CA PHE A 52 -9.93 -18.68 -22.12
C PHE A 52 -10.28 -17.71 -21.03
N ASP A 53 -11.56 -17.67 -20.70
CA ASP A 53 -12.09 -16.81 -19.64
C ASP A 53 -12.73 -17.72 -18.58
N TYR A 54 -12.72 -17.28 -17.34
CA TYR A 54 -13.36 -18.06 -16.28
C TYR A 54 -14.85 -17.85 -16.50
N VAL A 55 -15.68 -18.91 -16.47
CA VAL A 55 -17.10 -18.66 -16.66
C VAL A 55 -17.48 -17.81 -15.47
N GLY A 56 -16.75 -18.01 -14.38
CA GLY A 56 -16.96 -17.26 -13.14
C GLY A 56 -16.61 -15.83 -13.49
N SER A 57 -17.26 -15.38 -14.58
CA SER A 57 -17.14 -14.05 -15.17
C SER A 57 -15.68 -13.66 -15.34
N GLY A 58 -15.10 -14.06 -16.46
CA GLY A 58 -13.74 -13.71 -16.74
C GLY A 58 -13.90 -12.28 -17.22
N HIS A 59 -14.13 -11.39 -16.26
CA HIS A 59 -14.38 -9.99 -16.53
C HIS A 59 -15.51 -9.89 -17.57
N SER A 60 -16.35 -10.93 -17.69
CA SER A 60 -17.45 -10.93 -18.66
C SER A 60 -18.73 -11.68 -18.26
N ASP A 61 -19.74 -11.60 -19.12
CA ASP A 61 -21.07 -12.20 -18.91
C ASP A 61 -21.32 -13.68 -19.23
N LEU A 62 -22.61 -14.05 -19.19
CA LEU A 62 -23.15 -15.39 -19.41
C LEU A 62 -23.78 -15.92 -18.12
N TYR A 65 -23.26 -20.22 -15.64
CA TYR A 65 -22.82 -19.81 -14.29
C TYR A 65 -23.65 -20.44 -13.15
N ASP A 66 -22.96 -20.84 -12.09
CA ASP A 66 -23.60 -21.45 -10.93
C ASP A 66 -22.93 -20.85 -9.71
N LEU A 67 -23.74 -20.22 -8.86
CA LEU A 67 -23.26 -19.54 -7.65
C LEU A 67 -22.22 -20.33 -6.86
N ASN A 68 -22.64 -21.50 -6.39
CA ASN A 68 -21.84 -22.42 -5.60
C ASN A 68 -20.45 -22.70 -6.09
N ARG A 69 -20.30 -23.20 -7.31
CA ARG A 69 -18.97 -23.56 -7.78
C ARG A 69 -17.87 -22.50 -7.76
N TYR A 70 -18.19 -21.22 -7.67
CA TYR A 70 -17.13 -20.22 -7.67
C TYR A 70 -16.85 -19.46 -6.40
N GLN A 71 -17.27 -20.05 -5.27
CA GLN A 71 -17.06 -19.46 -3.95
C GLN A 71 -15.63 -19.75 -3.51
N THR A 72 -15.07 -20.84 -4.03
CA THR A 72 -13.67 -21.15 -3.74
C THR A 72 -12.93 -21.27 -5.05
N LEU A 73 -11.61 -21.17 -4.99
CA LEU A 73 -10.78 -21.29 -6.18
C LEU A 73 -10.94 -22.66 -6.84
N ASP A 74 -11.40 -23.69 -6.12
CA ASP A 74 -11.55 -24.98 -6.77
C ASP A 74 -12.46 -24.90 -7.97
N GLY A 75 -13.50 -24.07 -7.87
CA GLY A 75 -14.41 -23.92 -8.99
C GLY A 75 -13.69 -23.39 -10.21
N TYR A 76 -12.74 -22.48 -9.96
CA TYR A 76 -11.92 -21.93 -11.00
C TYR A 76 -10.97 -23.00 -11.54
N ALA A 77 -10.43 -23.85 -10.66
CA ALA A 77 -9.53 -24.90 -11.14
C ALA A 77 -10.33 -25.90 -11.95
N GLN A 78 -11.62 -26.06 -11.59
CA GLN A 78 -12.50 -26.97 -12.34
C GLN A 78 -12.69 -26.48 -13.78
N ASP A 79 -12.73 -25.15 -13.99
CA ASP A 79 -12.85 -24.60 -15.36
C ASP A 79 -11.63 -25.01 -16.18
N VAL A 80 -10.45 -24.80 -15.60
CA VAL A 80 -9.18 -25.13 -16.22
C VAL A 80 -9.19 -26.62 -16.65
N LEU A 81 -9.59 -27.51 -15.74
CA LEU A 81 -9.68 -28.95 -16.02
C LEU A 81 -10.70 -29.16 -17.16
N ASP A 82 -11.89 -28.57 -17.03
CA ASP A 82 -12.94 -28.70 -18.06
C ASP A 82 -12.43 -28.31 -19.44
N VAL A 83 -11.69 -27.21 -19.54
CA VAL A 83 -11.15 -26.80 -20.82
C VAL A 83 -10.10 -27.81 -21.29
N CYS A 84 -9.22 -28.24 -20.38
CA CYS A 84 -8.23 -29.22 -20.81
C CYS A 84 -8.95 -30.43 -21.38
N GLU A 85 -10.10 -30.75 -20.80
CA GLU A 85 -10.88 -31.89 -21.23
C GLU A 85 -11.54 -31.63 -22.59
N ALA A 86 -12.16 -30.47 -22.76
CA ALA A 86 -12.80 -30.17 -24.04
C ALA A 86 -11.75 -30.16 -25.18
N LEU A 87 -10.58 -29.60 -24.91
CA LEU A 87 -9.54 -29.56 -25.93
C LEU A 87 -8.91 -30.95 -26.14
N ASP A 88 -9.27 -31.91 -25.29
CA ASP A 88 -8.74 -33.27 -25.45
C ASP A 88 -7.19 -33.34 -25.32
N LEU A 89 -6.64 -32.44 -24.50
CA LEU A 89 -5.21 -32.33 -24.23
C LEU A 89 -4.62 -33.46 -23.38
N LYS A 90 -3.37 -33.83 -23.65
CA LYS A 90 -2.75 -34.86 -22.85
C LYS A 90 -1.85 -34.15 -21.89
N GLU A 91 -1.29 -33.04 -22.33
CA GLU A 91 -0.38 -32.33 -21.46
C GLU A 91 -0.29 -30.89 -21.96
N THR A 92 0.02 -29.94 -21.09
CA THR A 92 0.13 -28.58 -21.58
C THR A 92 0.94 -27.75 -20.63
N VAL A 93 1.61 -26.74 -21.17
CA VAL A 93 2.29 -25.81 -20.29
C VAL A 93 1.13 -24.91 -19.79
N PHE A 94 1.24 -24.41 -18.57
CA PHE A 94 0.18 -23.56 -18.05
C PHE A 94 0.80 -22.25 -17.58
N VAL A 95 0.38 -21.15 -18.17
CA VAL A 95 0.88 -19.84 -17.79
C VAL A 95 -0.28 -19.12 -17.13
N GLY A 96 -0.07 -18.76 -15.88
CA GLY A 96 -1.14 -18.09 -15.17
C GLY A 96 -0.64 -16.89 -14.44
N HIS A 97 -1.51 -15.89 -14.32
CA HIS A 97 -1.17 -14.65 -13.61
C HIS A 97 -1.92 -14.50 -12.28
N SER A 98 -1.23 -14.07 -11.24
CA SER A 98 -1.89 -13.84 -9.95
C SER A 98 -2.72 -15.10 -9.54
N VAL A 99 -4.00 -14.90 -9.28
CA VAL A 99 -4.87 -16.00 -8.88
C VAL A 99 -4.83 -17.08 -9.92
N GLY A 100 -4.66 -16.68 -11.17
CA GLY A 100 -4.64 -17.68 -12.22
C GLY A 100 -3.53 -18.70 -11.98
N ALA A 101 -2.39 -18.24 -11.46
CA ALA A 101 -1.27 -19.15 -11.18
C ALA A 101 -1.72 -20.20 -10.15
N LEU A 102 -2.31 -19.73 -9.04
CA LEU A 102 -2.78 -20.61 -7.97
C LEU A 102 -3.85 -21.51 -8.49
N ILE A 103 -4.73 -20.95 -9.31
CA ILE A 103 -5.80 -21.71 -9.87
C ILE A 103 -5.17 -22.83 -10.69
N GLY A 104 -4.11 -22.48 -11.44
CA GLY A 104 -3.40 -23.46 -12.23
C GLY A 104 -2.76 -24.45 -11.27
N MET A 105 -2.23 -23.96 -10.15
CA MET A 105 -1.62 -24.86 -9.20
C MET A 105 -2.62 -25.88 -8.66
N LEU A 106 -3.76 -25.42 -8.16
CA LEU A 106 -4.78 -26.33 -7.63
C LEU A 106 -5.19 -27.39 -8.67
N ALA A 107 -5.38 -26.97 -9.91
CA ALA A 107 -5.76 -27.93 -10.94
C ALA A 107 -4.68 -29.00 -11.16
N SER A 108 -3.41 -28.62 -11.08
CA SER A 108 -2.34 -29.57 -11.29
C SER A 108 -2.29 -30.58 -10.15
N ILE A 109 -2.68 -30.17 -8.95
CA ILE A 109 -2.67 -31.12 -7.83
C ILE A 109 -3.76 -32.19 -8.07
N ARG A 110 -4.85 -31.78 -8.72
CA ARG A 110 -5.91 -32.74 -9.01
C ARG A 110 -5.48 -33.64 -10.19
N ARG A 111 -4.96 -33.03 -11.26
CA ARG A 111 -4.53 -33.80 -12.43
C ARG A 111 -3.12 -33.41 -12.83
N PRO A 112 -2.08 -33.79 -12.05
CA PRO A 112 -0.72 -33.40 -12.44
C PRO A 112 -0.25 -33.90 -13.79
N GLU A 113 -0.76 -35.02 -14.25
CA GLU A 113 -0.33 -35.54 -15.54
C GLU A 113 -0.71 -34.62 -16.70
N LEU A 114 -1.61 -33.70 -16.42
CA LEU A 114 -2.12 -32.79 -17.42
C LEU A 114 -1.20 -31.59 -17.65
N PHE A 115 -0.34 -31.33 -16.69
CA PHE A 115 0.53 -30.18 -16.83
C PHE A 115 1.98 -30.56 -16.86
N SER A 116 2.70 -30.01 -17.83
CA SER A 116 4.12 -30.22 -17.98
C SER A 116 4.79 -29.14 -17.11
N HIS A 117 4.33 -27.90 -17.24
CA HIS A 117 4.92 -26.86 -16.42
C HIS A 117 3.91 -25.85 -15.83
N LEU A 118 4.32 -25.19 -14.76
CA LEU A 118 3.50 -24.17 -14.14
C LEU A 118 4.28 -22.86 -14.10
N VAL A 119 4.02 -21.98 -15.05
CA VAL A 119 4.68 -20.69 -15.07
C VAL A 119 3.74 -19.74 -14.34
N MET A 120 4.19 -19.26 -13.18
CA MET A 120 3.42 -18.40 -12.32
C MET A 120 3.90 -16.96 -12.35
N VAL A 121 3.15 -16.08 -13.02
CA VAL A 121 3.52 -14.67 -13.09
C VAL A 121 2.83 -13.95 -11.92
N GLY A 122 3.63 -13.56 -10.92
CA GLY A 122 3.14 -12.86 -9.74
C GLY A 122 2.25 -13.62 -8.76
N PRO A 123 2.52 -14.91 -8.50
CA PRO A 123 1.68 -15.68 -7.58
C PRO A 123 1.71 -15.27 -6.09
N SER A 124 0.74 -15.78 -5.35
CA SER A 124 0.69 -15.57 -3.91
C SER A 124 -0.11 -16.77 -3.40
N PRO A 125 0.41 -17.44 -2.37
CA PRO A 125 -0.33 -18.58 -1.88
C PRO A 125 -1.26 -18.15 -0.78
N CYS A 126 -1.08 -16.91 -0.31
CA CYS A 126 -1.90 -16.37 0.78
C CYS A 126 -1.60 -14.86 0.96
N TYR A 127 -2.63 -14.02 1.00
CA TYR A 127 -2.40 -12.59 1.13
C TYR A 127 -2.27 -12.08 2.58
N LEU A 128 -2.57 -12.95 3.54
CA LEU A 128 -2.45 -12.52 4.93
C LEU A 128 -1.01 -12.47 5.43
N ASN A 129 -0.73 -11.41 6.19
CA ASN A 129 0.56 -11.21 6.84
C ASN A 129 0.47 -12.19 8.03
N ASP A 130 1.52 -12.97 8.26
CA ASP A 130 1.48 -13.94 9.36
C ASP A 130 2.83 -14.00 10.08
N PRO A 131 3.21 -12.89 10.74
CA PRO A 131 4.51 -12.90 11.45
C PRO A 131 4.48 -13.99 12.51
N PRO A 132 5.64 -14.60 12.79
CA PRO A 132 6.92 -14.29 12.13
C PRO A 132 7.34 -14.98 10.81
N GLU A 133 6.69 -16.08 10.44
CA GLU A 133 7.09 -16.80 9.22
C GLU A 133 6.55 -16.43 7.85
N TYR A 134 5.43 -15.70 7.78
CA TYR A 134 4.88 -15.36 6.48
C TYR A 134 4.31 -13.94 6.38
N TYR A 135 4.63 -13.27 5.29
CA TYR A 135 4.13 -11.92 5.08
C TYR A 135 3.40 -11.84 3.76
N GLY A 136 2.07 -11.93 3.83
CA GLY A 136 1.26 -11.87 2.64
C GLY A 136 1.27 -10.48 2.06
N GLY A 137 1.32 -9.48 2.95
CA GLY A 137 1.33 -8.08 2.54
C GLY A 137 0.07 -7.38 3.00
N PHE A 138 -0.82 -8.15 3.60
CA PHE A 138 -2.10 -7.62 4.07
C PHE A 138 -2.55 -8.09 5.44
N GLU A 139 -3.23 -7.19 6.13
CA GLU A 139 -3.77 -7.48 7.44
C GLU A 139 -5.23 -7.88 7.20
N GLU A 140 -5.66 -8.94 7.85
CA GLU A 140 -7.02 -9.44 7.74
C GLU A 140 -8.00 -8.29 7.51
N GLU A 141 -7.83 -7.23 8.29
CA GLU A 141 -8.69 -6.05 8.21
C GLU A 141 -8.53 -5.23 6.94
N GLN A 142 -7.35 -5.24 6.34
CA GLN A 142 -7.14 -4.51 5.09
C GLN A 142 -7.96 -5.24 4.00
N LEU A 143 -7.81 -6.56 3.94
CA LEU A 143 -8.54 -7.35 2.96
C LEU A 143 -10.04 -7.12 3.12
N LEU A 144 -10.49 -7.22 4.37
CA LEU A 144 -11.89 -6.99 4.72
C LEU A 144 -12.24 -5.55 4.31
N GLY A 145 -11.26 -4.66 4.40
CA GLY A 145 -11.49 -3.28 4.00
C GLY A 145 -11.84 -3.14 2.53
N LEU A 146 -11.08 -3.80 1.67
CA LEU A 146 -11.33 -3.76 0.23
C LEU A 146 -12.63 -4.46 -0.15
N LEU A 147 -12.90 -5.62 0.45
CA LEU A 147 -14.14 -6.34 0.16
C LEU A 147 -15.33 -5.45 0.43
N GLU A 148 -15.24 -4.69 1.52
CA GLU A 148 -16.29 -3.77 1.90
C GLU A 148 -16.39 -2.69 0.85
N MET A 149 -15.26 -2.05 0.53
CA MET A 149 -15.26 -1.00 -0.47
C MET A 149 -15.90 -1.52 -1.74
N MET A 150 -15.63 -2.79 -2.05
CA MET A 150 -16.16 -3.41 -3.27
C MET A 150 -17.68 -3.50 -3.31
N GLU A 151 -18.29 -3.72 -2.15
CA GLU A 151 -19.73 -3.82 -2.07
C GLU A 151 -20.35 -2.41 -1.99
N LYS A 152 -20.03 -1.71 -0.90
CA LYS A 152 -20.55 -0.38 -0.65
C LYS A 152 -20.44 0.57 -1.85
N ASN A 153 -19.39 0.40 -2.64
CA ASN A 153 -19.14 1.26 -3.80
C ASN A 153 -18.18 0.53 -4.74
N TYR A 154 -18.71 -0.21 -5.71
CA TYR A 154 -17.86 -0.98 -6.61
C TYR A 154 -16.90 -0.23 -7.53
N ILE A 155 -17.44 0.69 -8.30
CA ILE A 155 -16.64 1.45 -9.24
C ILE A 155 -15.50 2.23 -8.58
N GLY A 156 -15.78 2.81 -7.41
CA GLY A 156 -14.73 3.54 -6.71
C GLY A 156 -13.60 2.57 -6.40
N TRP A 157 -13.99 1.35 -6.03
CA TRP A 157 -13.03 0.30 -5.73
C TRP A 157 -12.21 -0.06 -6.97
N ALA A 158 -12.86 -0.20 -8.13
CA ALA A 158 -12.19 -0.57 -9.37
C ALA A 158 -10.97 0.29 -9.66
N THR A 159 -11.09 1.57 -9.38
CA THR A 159 -9.99 2.49 -9.63
C THR A 159 -8.97 2.43 -8.50
N VAL A 160 -9.43 2.41 -7.26
CA VAL A 160 -8.54 2.32 -6.11
C VAL A 160 -7.63 1.11 -6.27
N PHE A 161 -8.24 -0.05 -6.52
CA PHE A 161 -7.50 -1.26 -6.69
C PHE A 161 -6.64 -1.33 -7.95
N ALA A 162 -7.07 -0.69 -9.03
CA ALA A 162 -6.24 -0.72 -10.25
C ALA A 162 -4.89 -0.07 -9.95
N ALA A 163 -4.89 0.97 -9.12
CA ALA A 163 -3.67 1.67 -8.76
C ALA A 163 -2.76 0.85 -7.87
N THR A 164 -3.36 0.13 -6.94
CA THR A 164 -2.62 -0.72 -6.00
C THR A 164 -1.92 -1.83 -6.76
N VAL A 165 -2.66 -2.49 -7.63
CA VAL A 165 -2.14 -3.59 -8.43
C VAL A 165 -0.98 -3.15 -9.33
N LEU A 166 -1.07 -1.99 -9.98
CA LEU A 166 0.03 -1.54 -10.85
C LEU A 166 1.18 -0.87 -10.08
N ASN A 167 0.84 -0.08 -9.07
CA ASN A 167 1.84 0.59 -8.26
C ASN A 167 2.89 1.20 -9.18
N GLN A 168 2.39 2.05 -10.08
CA GLN A 168 3.18 2.76 -11.07
C GLN A 168 2.38 3.98 -11.50
N PRO A 169 2.51 5.08 -10.75
CA PRO A 169 1.83 6.35 -10.98
C PRO A 169 2.11 7.01 -12.33
N ASP A 170 3.25 6.68 -12.92
CA ASP A 170 3.58 7.28 -14.20
C ASP A 170 3.39 6.29 -15.33
N ARG A 171 2.33 5.50 -15.24
CA ARG A 171 2.05 4.52 -16.28
C ARG A 171 0.53 4.36 -16.34
N PRO A 172 -0.18 5.51 -16.42
CA PRO A 172 -1.64 5.66 -16.49
C PRO A 172 -2.43 4.91 -17.57
N GLU A 173 -1.86 4.72 -18.75
CA GLU A 173 -2.58 4.01 -19.80
C GLU A 173 -2.92 2.61 -19.30
N ILE A 174 -1.92 1.94 -18.72
CA ILE A 174 -2.09 0.58 -18.18
C ILE A 174 -3.16 0.63 -17.07
N LYS A 175 -2.97 1.56 -16.14
CA LYS A 175 -3.89 1.74 -15.03
C LYS A 175 -5.33 1.96 -15.46
N GLU A 176 -5.54 2.76 -16.52
CA GLU A 176 -6.91 3.01 -16.98
C GLU A 176 -7.48 1.74 -17.63
N GLU A 177 -6.58 0.98 -18.26
CA GLU A 177 -7.03 -0.24 -18.88
C GLU A 177 -7.42 -1.23 -17.78
N LEU A 178 -6.63 -1.28 -16.72
CA LEU A 178 -6.88 -2.20 -15.61
C LEU A 178 -8.16 -1.77 -14.93
N GLU A 179 -8.27 -0.46 -14.72
CA GLU A 179 -9.45 0.10 -14.09
C GLU A 179 -10.70 -0.21 -14.90
N SER A 180 -10.55 -0.08 -16.22
CA SER A 180 -11.65 -0.37 -17.13
C SER A 180 -12.04 -1.84 -17.09
N ARG A 181 -11.05 -2.72 -17.03
CA ARG A 181 -11.32 -4.15 -16.98
C ARG A 181 -12.11 -4.46 -15.70
N PHE A 182 -11.68 -3.86 -14.59
CA PHE A 182 -12.35 -4.04 -13.31
C PHE A 182 -13.77 -3.51 -13.36
N CYS A 183 -13.96 -2.35 -13.96
CA CYS A 183 -15.32 -1.79 -14.03
C CYS A 183 -16.28 -2.63 -14.85
N SER A 184 -15.78 -3.25 -15.90
CA SER A 184 -16.59 -4.05 -16.80
C SER A 184 -16.93 -5.44 -16.28
N THR A 185 -16.44 -5.77 -15.11
CA THR A 185 -16.72 -7.09 -14.57
C THR A 185 -17.90 -7.06 -13.59
N ASP A 186 -18.84 -8.00 -13.78
CA ASP A 186 -20.01 -8.11 -12.92
C ASP A 186 -19.55 -7.96 -11.46
N PRO A 187 -20.07 -6.93 -10.76
CA PRO A 187 -19.73 -6.62 -9.36
C PRO A 187 -20.06 -7.65 -8.27
N VAL A 188 -21.04 -8.52 -8.51
CA VAL A 188 -21.36 -9.53 -7.49
C VAL A 188 -20.35 -10.68 -7.63
N ILE A 189 -20.14 -11.11 -8.86
CA ILE A 189 -19.20 -12.18 -9.12
C ILE A 189 -17.79 -11.68 -8.83
N ALA A 190 -17.50 -10.42 -9.14
CA ALA A 190 -16.18 -9.86 -8.88
C ALA A 190 -15.84 -10.04 -7.41
N ARG A 191 -16.82 -9.68 -6.57
CA ARG A 191 -16.72 -9.77 -5.11
C ARG A 191 -16.59 -11.24 -4.64
N GLN A 192 -17.32 -12.15 -5.26
CA GLN A 192 -17.25 -13.56 -4.87
C GLN A 192 -15.84 -14.05 -5.20
N PHE A 193 -15.38 -13.71 -6.41
CA PHE A 193 -14.07 -14.09 -6.87
C PHE A 193 -12.98 -13.58 -5.92
N ALA A 194 -13.02 -12.27 -5.66
CA ALA A 194 -12.06 -11.61 -4.77
C ALA A 194 -12.03 -12.25 -3.38
N LYS A 195 -13.19 -12.60 -2.86
CA LYS A 195 -13.23 -13.23 -1.54
C LYS A 195 -12.49 -14.57 -1.68
N ALA A 196 -12.84 -15.35 -2.71
CA ALA A 196 -12.19 -16.64 -2.92
C ALA A 196 -10.65 -16.49 -3.00
N ALA A 197 -10.19 -15.42 -3.65
CA ALA A 197 -8.78 -15.17 -3.77
C ALA A 197 -8.12 -14.58 -2.50
N PHE A 198 -8.57 -13.40 -2.06
CA PHE A 198 -8.01 -12.75 -0.87
C PHE A 198 -7.98 -13.57 0.43
N PHE A 199 -8.97 -14.41 0.64
CA PHE A 199 -9.00 -15.16 1.88
C PHE A 199 -8.58 -16.61 1.76
N SER A 200 -8.12 -16.99 0.59
CA SER A 200 -7.67 -18.33 0.40
C SER A 200 -6.28 -18.44 1.07
N ASP A 201 -5.91 -19.65 1.45
CA ASP A 201 -4.58 -19.89 2.01
C ASP A 201 -4.16 -21.21 1.42
N HIS A 202 -3.11 -21.18 0.61
CA HIS A 202 -2.68 -22.39 -0.02
C HIS A 202 -1.26 -22.78 0.33
N ARG A 203 -0.74 -22.23 1.42
CA ARG A 203 0.59 -22.57 1.87
C ARG A 203 0.73 -24.08 2.10
N GLU A 204 -0.23 -24.66 2.81
CA GLU A 204 -0.18 -26.10 3.08
C GLU A 204 -0.18 -26.90 1.78
N ASP A 205 -0.75 -26.37 0.71
CA ASP A 205 -0.80 -27.12 -0.54
C ASP A 205 0.46 -27.11 -1.38
N LEU A 206 1.31 -26.13 -1.16
CA LEU A 206 2.57 -26.01 -1.89
C LEU A 206 3.32 -27.34 -1.96
N SER A 207 3.42 -28.03 -0.84
CA SER A 207 4.11 -29.29 -0.79
C SER A 207 3.51 -30.37 -1.66
N LYS A 208 2.28 -30.20 -2.11
CA LYS A 208 1.67 -31.27 -2.93
C LYS A 208 1.91 -31.12 -4.42
N VAL A 209 2.45 -29.98 -4.81
CA VAL A 209 2.70 -29.75 -6.23
C VAL A 209 3.84 -30.61 -6.75
N THR A 210 3.55 -31.42 -7.75
CA THR A 210 4.59 -32.26 -8.32
C THR A 210 5.01 -31.80 -9.70
N VAL A 211 4.31 -30.81 -10.26
CA VAL A 211 4.62 -30.27 -11.57
C VAL A 211 5.61 -29.11 -11.40
N PRO A 212 6.68 -29.10 -12.20
CA PRO A 212 7.73 -28.06 -12.18
C PRO A 212 7.11 -26.69 -12.37
N SER A 213 7.59 -25.71 -11.61
CA SER A 213 7.06 -24.36 -11.72
C SER A 213 8.13 -23.28 -11.78
N LEU A 214 7.88 -22.25 -12.58
CA LEU A 214 8.77 -21.10 -12.68
C LEU A 214 8.02 -19.96 -11.97
N ILE A 215 8.69 -19.34 -11.01
CA ILE A 215 8.07 -18.26 -10.27
C ILE A 215 8.62 -16.93 -10.71
N LEU A 216 7.82 -16.14 -11.42
CA LEU A 216 8.29 -14.83 -11.81
C LEU A 216 7.78 -13.87 -10.74
N GLN A 217 8.70 -13.42 -9.89
CA GLN A 217 8.38 -12.51 -8.82
C GLN A 217 8.59 -11.12 -9.37
N CYS A 218 7.66 -10.22 -9.07
CA CYS A 218 7.80 -8.87 -9.58
C CYS A 218 8.54 -7.98 -8.60
N ALA A 219 8.91 -6.79 -9.06
CA ALA A 219 9.61 -5.80 -8.23
C ALA A 219 8.59 -4.74 -7.78
N ASP A 220 8.71 -4.31 -6.52
CA ASP A 220 7.80 -3.32 -5.95
C ASP A 220 6.35 -3.76 -6.14
N ASP A 221 6.08 -4.98 -5.73
CA ASP A 221 4.76 -5.55 -5.83
C ASP A 221 4.05 -5.45 -4.47
N ILE A 222 2.95 -4.71 -4.39
CA ILE A 222 2.17 -4.56 -3.15
C ILE A 222 1.20 -5.72 -2.97
N ILE A 223 0.80 -6.34 -4.06
CA ILE A 223 -0.15 -7.44 -4.01
C ILE A 223 0.58 -8.71 -3.63
N ALA A 224 1.71 -8.94 -4.28
CA ALA A 224 2.50 -10.12 -4.02
C ALA A 224 3.97 -9.75 -3.81
N PRO A 225 4.32 -9.26 -2.60
CA PRO A 225 5.70 -8.88 -2.27
C PRO A 225 6.72 -10.00 -2.43
N ALA A 226 7.99 -9.62 -2.49
CA ALA A 226 9.08 -10.58 -2.68
C ALA A 226 9.05 -11.74 -1.69
N THR A 227 8.51 -11.47 -0.49
CA THR A 227 8.34 -12.45 0.57
C THR A 227 7.67 -13.70 0.05
N VAL A 228 6.48 -13.51 -0.52
CA VAL A 228 5.70 -14.62 -1.04
C VAL A 228 6.39 -15.37 -2.17
N GLY A 229 7.09 -14.68 -3.05
CA GLY A 229 7.76 -15.40 -4.12
C GLY A 229 8.83 -16.33 -3.58
N LYS A 230 9.61 -15.83 -2.63
CA LYS A 230 10.68 -16.62 -2.04
C LYS A 230 10.05 -17.78 -1.28
N TYR A 231 9.10 -17.45 -0.40
CA TYR A 231 8.44 -18.46 0.36
C TYR A 231 7.89 -19.61 -0.51
N MET A 232 7.30 -19.26 -1.66
CA MET A 232 6.75 -20.29 -2.56
C MET A 232 7.89 -21.14 -3.09
N HIS A 233 8.98 -20.48 -3.48
CA HIS A 233 10.13 -21.19 -3.99
C HIS A 233 10.63 -22.18 -2.93
N GLN A 234 10.72 -21.73 -1.69
CA GLN A 234 11.17 -22.58 -0.60
C GLN A 234 10.29 -23.81 -0.40
N HIS A 235 8.97 -23.65 -0.52
CA HIS A 235 8.08 -24.76 -0.27
C HIS A 235 7.59 -25.58 -1.44
N LEU A 236 7.70 -25.03 -2.63
CA LEU A 236 7.29 -25.76 -3.81
C LEU A 236 8.46 -26.70 -4.08
N PRO A 237 8.24 -28.03 -3.99
CA PRO A 237 9.26 -29.06 -4.22
C PRO A 237 10.11 -28.90 -5.46
N TYR A 238 9.50 -28.53 -6.57
CA TYR A 238 10.25 -28.41 -7.83
C TYR A 238 10.12 -27.08 -8.50
N SER A 239 10.89 -26.08 -8.10
CA SER A 239 10.71 -24.79 -8.73
C SER A 239 11.95 -23.94 -8.97
N SER A 240 11.78 -22.85 -9.71
CA SER A 240 12.84 -21.89 -9.98
C SER A 240 12.25 -20.49 -9.80
N LEU A 241 13.00 -19.60 -9.16
CA LEU A 241 12.53 -18.27 -8.90
C LEU A 241 13.29 -17.17 -9.66
N LYS A 242 12.66 -16.53 -10.64
CA LYS A 242 13.30 -15.46 -11.38
C LYS A 242 12.73 -14.09 -11.00
N GLN A 243 13.58 -13.19 -10.49
CA GLN A 243 13.15 -11.85 -10.14
C GLN A 243 13.05 -11.00 -11.42
N MET A 244 11.87 -10.43 -11.66
CA MET A 244 11.71 -9.62 -12.86
C MET A 244 12.13 -8.22 -12.53
N GLU A 245 12.54 -7.49 -13.55
CA GLU A 245 12.90 -6.11 -13.29
C GLU A 245 11.59 -5.34 -13.27
N ALA A 246 10.63 -5.81 -14.07
CA ALA A 246 9.32 -5.16 -14.17
C ALA A 246 8.76 -4.81 -12.78
N ARG A 247 8.09 -3.67 -12.70
CA ARG A 247 7.52 -3.23 -11.44
C ARG A 247 6.04 -3.55 -11.38
N GLY A 248 5.52 -3.70 -10.17
CA GLY A 248 4.11 -3.95 -10.00
C GLY A 248 3.64 -5.38 -10.19
N HIS A 249 2.34 -5.57 -10.15
CA HIS A 249 1.75 -6.88 -10.23
C HIS A 249 1.30 -7.42 -11.58
N CYS A 250 1.37 -6.59 -12.63
CA CYS A 250 0.92 -7.03 -13.94
C CYS A 250 1.94 -6.91 -15.06
N PRO A 251 3.11 -7.56 -14.90
CA PRO A 251 4.15 -7.48 -15.94
C PRO A 251 3.66 -7.80 -17.35
N HIS A 252 2.71 -8.73 -17.48
CA HIS A 252 2.19 -9.09 -18.79
C HIS A 252 1.51 -7.90 -19.49
N MET A 253 1.19 -6.87 -18.72
CA MET A 253 0.53 -5.72 -19.31
C MET A 253 1.51 -4.56 -19.44
N SER A 254 2.30 -4.37 -18.38
CA SER A 254 3.25 -3.27 -18.31
C SER A 254 4.63 -3.58 -18.88
N HIS A 255 5.01 -4.84 -18.88
CA HIS A 255 6.31 -5.17 -19.41
C HIS A 255 6.25 -6.45 -20.21
N PRO A 256 5.38 -6.50 -21.23
CA PRO A 256 5.26 -7.71 -22.06
C PRO A 256 6.56 -8.33 -22.51
N ASP A 257 7.48 -7.49 -22.97
CA ASP A 257 8.76 -7.99 -23.44
C ASP A 257 9.56 -8.77 -22.42
N GLU A 258 9.80 -8.21 -21.25
CA GLU A 258 10.55 -8.99 -20.27
C GLU A 258 9.80 -10.28 -19.96
N THR A 259 8.47 -10.19 -19.92
CA THR A 259 7.64 -11.35 -19.64
C THR A 259 7.88 -12.38 -20.73
N ILE A 260 7.82 -11.95 -21.99
CA ILE A 260 8.04 -12.89 -23.09
C ILE A 260 9.39 -13.57 -23.01
N GLN A 261 10.44 -12.82 -22.68
CA GLN A 261 11.78 -13.42 -22.60
C GLN A 261 11.89 -14.50 -21.52
N LEU A 262 11.62 -14.12 -20.26
CA LEU A 262 11.70 -15.03 -19.12
C LEU A 262 10.92 -16.30 -19.40
N ILE A 263 9.68 -16.13 -19.83
CA ILE A 263 8.87 -17.29 -20.15
C ILE A 263 9.56 -18.10 -21.26
N GLY A 264 9.94 -17.46 -22.37
CA GLY A 264 10.60 -18.15 -23.47
C GLY A 264 11.92 -18.84 -23.10
N ASP A 265 12.77 -18.19 -22.31
CA ASP A 265 14.02 -18.83 -21.91
C ASP A 265 13.67 -20.13 -21.20
N TYR A 266 12.96 -19.97 -20.07
CA TYR A 266 12.56 -21.10 -19.29
C TYR A 266 12.09 -22.27 -20.12
N LEU A 267 11.28 -22.02 -21.14
CA LEU A 267 10.77 -23.13 -21.94
C LEU A 267 11.78 -23.68 -22.93
N LYS A 268 12.53 -22.79 -23.56
CA LYS A 268 13.54 -23.25 -24.52
C LYS A 268 14.44 -24.24 -23.79
N ALA A 269 14.74 -23.90 -22.53
CA ALA A 269 15.59 -24.72 -21.69
C ALA A 269 14.98 -26.08 -21.36
N HIS A 270 13.86 -26.09 -20.65
CA HIS A 270 13.21 -27.34 -20.27
C HIS A 270 12.47 -27.92 -21.45
N VAL A 271 12.96 -27.57 -22.64
CA VAL A 271 12.42 -28.02 -23.92
C VAL A 271 10.89 -28.17 -23.94
N GLY B 2 -8.25 31.96 24.73
CA GLY B 2 -8.55 32.61 26.03
C GLY B 2 -7.30 33.05 26.79
N HIS B 3 -7.27 32.80 28.11
CA HIS B 3 -6.12 33.17 28.88
C HIS B 3 -5.13 32.01 29.04
N MET B 4 -3.89 32.37 29.38
CA MET B 4 -2.79 31.42 29.53
C MET B 4 -3.21 30.10 30.15
N THR B 5 -3.92 30.18 31.27
CA THR B 5 -4.35 29.01 32.00
C THR B 5 -5.32 28.12 31.22
N SER B 6 -6.15 28.72 30.38
CA SER B 6 -7.11 27.93 29.59
C SER B 6 -6.42 27.28 28.37
N ILE B 7 -5.46 27.98 27.78
CA ILE B 7 -4.75 27.39 26.66
C ILE B 7 -4.03 26.15 27.22
N LEU B 8 -3.21 26.38 28.24
CA LEU B 8 -2.48 25.31 28.91
C LEU B 8 -3.39 24.08 29.09
N SER B 9 -4.63 24.31 29.53
CA SER B 9 -5.58 23.21 29.74
C SER B 9 -6.06 22.67 28.38
N ARG B 10 -6.54 23.58 27.54
CA ARG B 10 -7.03 23.28 26.19
C ARG B 10 -6.08 22.30 25.45
N ASN B 11 -4.79 22.65 25.40
CA ASN B 11 -3.84 21.82 24.69
C ASN B 11 -3.00 20.85 25.55
N HIS B 12 -3.50 20.47 26.73
CA HIS B 12 -2.79 19.57 27.64
C HIS B 12 -1.27 19.86 27.68
N VAL B 13 -0.93 21.15 27.74
CA VAL B 13 0.48 21.56 27.73
C VAL B 13 1.31 21.19 28.95
N LYS B 14 2.48 20.60 28.71
CA LYS B 14 3.41 20.22 29.76
C LYS B 14 4.83 20.66 29.34
N VAL B 15 5.65 21.02 30.33
CA VAL B 15 7.04 21.43 30.11
C VAL B 15 7.88 20.59 31.07
N LYS B 16 9.00 20.10 30.57
CA LYS B 16 9.90 19.28 31.37
C LYS B 16 11.35 19.64 31.03
N GLY B 17 12.26 19.30 31.94
CA GLY B 17 13.66 19.59 31.69
C GLY B 17 14.01 21.05 31.77
N SER B 18 15.18 21.42 31.24
CA SER B 18 15.63 22.80 31.30
C SER B 18 16.84 23.03 30.41
N GLY B 19 16.95 24.26 29.92
CA GLY B 19 18.06 24.64 29.07
C GLY B 19 17.77 26.00 28.47
N LYS B 20 18.78 26.62 27.88
CA LYS B 20 18.62 27.94 27.28
C LYS B 20 17.61 27.89 26.14
N ALA B 21 17.48 26.72 25.53
CA ALA B 21 16.54 26.55 24.41
C ALA B 21 15.49 25.52 24.77
N SER B 22 14.36 25.62 24.08
CA SER B 22 13.24 24.72 24.27
C SER B 22 12.90 24.04 22.94
N ILE B 23 12.29 22.87 23.05
CA ILE B 23 11.86 22.08 21.90
C ILE B 23 10.40 21.68 22.14
N MET B 24 9.54 22.09 21.22
CA MET B 24 8.11 21.79 21.28
C MET B 24 7.86 20.60 20.34
N PHE B 25 7.20 19.56 20.84
CA PHE B 25 6.91 18.38 20.02
C PHE B 25 5.44 18.32 19.60
N ALA B 26 5.19 18.26 18.30
CA ALA B 26 3.84 18.18 17.77
C ALA B 26 3.55 16.75 17.31
N PRO B 27 2.40 16.23 17.71
CA PRO B 27 2.10 14.85 17.28
C PRO B 27 1.57 14.87 15.85
N GLY B 28 1.36 13.68 15.31
CA GLY B 28 0.81 13.56 13.97
C GLY B 28 -0.66 13.20 14.16
N PHE B 29 -1.39 13.13 13.05
CA PHE B 29 -2.81 12.79 13.08
C PHE B 29 -3.09 11.59 13.99
N GLY B 30 -4.23 11.65 14.68
CA GLY B 30 -4.63 10.55 15.56
C GLY B 30 -3.76 10.22 16.74
N CYS B 31 -2.76 11.05 17.00
CA CYS B 31 -1.87 10.79 18.13
C CYS B 31 -1.87 11.92 19.12
N ASP B 32 -1.72 11.59 20.40
CA ASP B 32 -1.66 12.61 21.41
C ASP B 32 -0.18 12.71 21.75
N GLN B 33 0.18 13.53 22.73
CA GLN B 33 1.58 13.71 23.10
C GLN B 33 2.31 12.46 23.58
N SER B 34 1.57 11.45 24.04
CA SER B 34 2.22 10.24 24.51
C SER B 34 3.09 9.59 23.44
N VAL B 35 2.79 9.82 22.15
CA VAL B 35 3.62 9.24 21.10
C VAL B 35 5.06 9.70 21.21
N TRP B 36 5.26 10.88 21.77
CA TRP B 36 6.61 11.44 21.90
C TRP B 36 7.47 10.91 23.04
N ASN B 37 6.93 9.95 23.78
CA ASN B 37 7.59 9.33 24.92
C ASN B 37 8.96 8.72 24.79
N ALA B 38 9.21 8.06 23.65
CA ALA B 38 10.48 7.39 23.39
C ALA B 38 11.54 8.35 22.85
N VAL B 39 11.13 9.58 22.52
CA VAL B 39 12.07 10.55 21.98
C VAL B 39 12.25 11.78 22.85
N ALA B 40 11.17 12.54 23.06
CA ALA B 40 11.20 13.79 23.85
C ALA B 40 12.08 13.78 25.12
N PRO B 41 11.91 12.76 25.98
CA PRO B 41 12.69 12.64 27.21
C PRO B 41 14.20 12.81 27.07
N ALA B 42 14.76 12.36 25.95
CA ALA B 42 16.20 12.47 25.72
C ALA B 42 16.63 13.90 25.41
N PHE B 43 15.72 14.84 25.62
CA PHE B 43 16.09 16.22 25.37
C PHE B 43 15.92 17.09 26.61
N GLU B 44 15.31 16.51 27.65
CA GLU B 44 15.06 17.22 28.90
C GLU B 44 16.34 17.70 29.54
N GLU B 45 17.41 16.95 29.34
CA GLU B 45 18.73 17.25 29.87
C GLU B 45 19.31 18.61 29.53
N ASP B 46 19.07 19.08 28.30
CA ASP B 46 19.64 20.35 27.87
C ASP B 46 18.60 21.33 27.29
N HIS B 47 17.35 20.89 27.20
CA HIS B 47 16.33 21.73 26.66
C HIS B 47 15.07 21.68 27.52
N ARG B 48 14.29 22.76 27.48
CA ARG B 48 13.00 22.76 28.17
C ARG B 48 12.16 22.05 27.09
N VAL B 49 11.64 20.87 27.42
CA VAL B 49 10.84 20.08 26.48
C VAL B 49 9.35 20.43 26.65
N ILE B 50 8.67 20.77 25.56
CA ILE B 50 7.24 21.14 25.58
C ILE B 50 6.39 20.07 24.86
N LEU B 51 5.36 19.56 25.54
CA LEU B 51 4.47 18.58 24.95
C LEU B 51 3.09 19.21 24.83
N PHE B 52 2.23 18.68 23.98
CA PHE B 52 0.90 19.25 23.88
C PHE B 52 0.02 18.48 22.95
N ASP B 53 -1.27 18.78 23.01
CA ASP B 53 -2.27 18.13 22.19
C ASP B 53 -3.02 19.18 21.38
N TYR B 54 -3.57 18.77 20.24
CA TYR B 54 -4.37 19.68 19.42
C TYR B 54 -5.74 19.61 20.10
N VAL B 55 -6.54 20.65 19.99
CA VAL B 55 -7.86 20.63 20.61
C VAL B 55 -8.74 19.45 20.17
N GLY B 56 -8.23 18.63 19.25
CA GLY B 56 -8.98 17.46 18.80
C GLY B 56 -9.29 16.42 19.89
N SER B 57 -9.57 15.18 19.48
CA SER B 57 -9.94 14.11 20.42
C SER B 57 -8.91 13.67 21.48
N GLY B 58 -9.38 12.87 22.43
CA GLY B 58 -8.56 12.37 23.52
C GLY B 58 -9.36 11.74 24.66
N HIS B 59 -10.52 12.31 24.96
CA HIS B 59 -11.40 11.81 26.02
C HIS B 59 -12.63 12.71 26.17
N TYR B 65 -18.21 24.09 21.50
CA TYR B 65 -17.24 23.28 22.24
C TYR B 65 -15.82 23.42 21.64
N ASP B 66 -15.77 23.83 20.37
CA ASP B 66 -14.53 24.04 19.63
C ASP B 66 -14.93 24.13 18.15
N LEU B 67 -15.23 25.36 17.70
CA LEU B 67 -15.64 25.62 16.32
C LEU B 67 -14.92 24.81 15.23
N ASN B 68 -15.52 24.79 14.04
CA ASN B 68 -14.94 24.08 12.90
C ASN B 68 -13.91 24.96 12.20
N ARG B 69 -12.84 25.27 12.94
CA ARG B 69 -11.73 26.08 12.46
C ARG B 69 -10.67 25.03 12.20
N TYR B 70 -10.94 23.84 12.70
CA TYR B 70 -10.08 22.67 12.57
C TYR B 70 -10.53 21.92 11.35
N GLN B 71 -11.03 22.71 10.42
CA GLN B 71 -11.52 22.27 9.13
C GLN B 71 -10.31 22.23 8.23
N THR B 72 -9.46 23.25 8.38
CA THR B 72 -8.24 23.38 7.61
C THR B 72 -7.02 23.23 8.54
N LEU B 73 -5.89 22.82 7.98
CA LEU B 73 -4.69 22.66 8.78
C LEU B 73 -4.26 23.95 9.45
N ASP B 74 -4.50 25.09 8.80
CA ASP B 74 -4.06 26.33 9.41
C ASP B 74 -4.56 26.47 10.83
N GLY B 75 -5.80 26.06 11.06
CA GLY B 75 -6.37 26.15 12.40
C GLY B 75 -5.55 25.45 13.47
N TYR B 76 -4.77 24.45 13.06
CA TYR B 76 -3.92 23.69 13.97
C TYR B 76 -2.68 24.52 14.21
N ALA B 77 -2.31 25.31 13.22
CA ALA B 77 -1.14 26.18 13.33
C ALA B 77 -1.44 27.20 14.43
N GLN B 78 -2.71 27.56 14.59
CA GLN B 78 -3.07 28.51 15.62
C GLN B 78 -2.82 27.88 17.00
N ASP B 79 -3.25 26.63 17.20
CA ASP B 79 -3.03 25.93 18.48
C ASP B 79 -1.57 26.08 18.86
N VAL B 80 -0.68 25.79 17.92
CA VAL B 80 0.75 25.90 18.17
C VAL B 80 1.14 27.31 18.61
N LEU B 81 0.53 28.31 17.97
CA LEU B 81 0.77 29.71 18.27
C LEU B 81 0.26 30.08 19.66
N ASP B 82 -0.95 29.67 19.99
CA ASP B 82 -1.48 29.95 21.32
C ASP B 82 -0.56 29.39 22.40
N VAL B 83 -0.12 28.16 22.22
CA VAL B 83 0.74 27.49 23.18
C VAL B 83 2.01 28.28 23.36
N CYS B 84 2.61 28.64 22.22
CA CYS B 84 3.82 29.43 22.23
C CYS B 84 3.60 30.69 23.07
N GLU B 85 2.39 31.24 22.92
CA GLU B 85 1.96 32.44 23.61
C GLU B 85 1.79 32.15 25.10
N ALA B 86 0.84 31.27 25.44
CA ALA B 86 0.62 30.92 26.83
C ALA B 86 2.01 30.69 27.44
N LEU B 87 2.86 29.92 26.76
CA LEU B 87 4.19 29.66 27.28
C LEU B 87 5.08 30.90 27.35
N ASP B 88 4.72 31.92 26.58
CA ASP B 88 5.46 33.18 26.60
C ASP B 88 6.85 33.01 25.99
N LEU B 89 6.99 32.01 25.12
CA LEU B 89 8.28 31.73 24.50
C LEU B 89 8.77 32.83 23.58
N LYS B 90 10.07 33.08 23.61
CA LYS B 90 10.64 34.08 22.70
C LYS B 90 10.86 33.32 21.39
N GLU B 91 11.52 32.17 21.51
CA GLU B 91 11.82 31.30 20.39
C GLU B 91 11.97 29.85 20.89
N THR B 92 11.61 28.89 20.04
CA THR B 92 11.75 27.50 20.43
C THR B 92 11.97 26.64 19.21
N VAL B 93 12.64 25.51 19.41
CA VAL B 93 12.87 24.56 18.34
C VAL B 93 11.52 23.85 18.18
N PHE B 94 11.08 23.60 16.96
CA PHE B 94 9.80 22.91 16.78
C PHE B 94 9.95 21.60 16.02
N VAL B 95 9.61 20.50 16.70
CA VAL B 95 9.70 19.18 16.09
C VAL B 95 8.31 18.61 15.84
N GLY B 96 8.02 18.28 14.59
CA GLY B 96 6.72 17.73 14.28
C GLY B 96 6.77 16.49 13.42
N HIS B 97 5.79 15.62 13.62
CA HIS B 97 5.68 14.37 12.89
C HIS B 97 4.46 14.38 11.96
N SER B 98 4.63 13.85 10.74
CA SER B 98 3.54 13.80 9.74
C SER B 98 2.91 15.19 9.62
N VAL B 99 1.59 15.26 9.62
CA VAL B 99 0.94 16.57 9.53
C VAL B 99 1.51 17.51 10.60
N GLY B 100 1.90 16.94 11.73
CA GLY B 100 2.48 17.75 12.80
C GLY B 100 3.60 18.61 12.25
N ALA B 101 4.47 17.99 11.45
CA ALA B 101 5.56 18.71 10.84
C ALA B 101 5.00 19.80 9.92
N LEU B 102 3.92 19.50 9.22
CA LEU B 102 3.38 20.51 8.33
C LEU B 102 2.74 21.64 9.10
N ILE B 103 1.93 21.31 10.10
CA ILE B 103 1.25 22.29 10.94
C ILE B 103 2.26 23.32 11.50
N GLY B 104 3.47 22.84 11.80
CA GLY B 104 4.49 23.72 12.30
C GLY B 104 4.91 24.74 11.25
N MET B 105 5.26 24.26 10.06
CA MET B 105 5.65 25.13 8.96
C MET B 105 4.68 26.31 8.75
N LEU B 106 3.39 26.01 8.63
CA LEU B 106 2.39 27.06 8.44
C LEU B 106 2.57 28.16 9.51
N ALA B 107 2.57 27.72 10.77
CA ALA B 107 2.74 28.61 11.91
C ALA B 107 4.04 29.35 11.71
N SER B 108 5.11 28.60 11.48
CA SER B 108 6.42 29.19 11.24
C SER B 108 6.29 30.31 10.23
N ILE B 109 5.52 30.05 9.17
CA ILE B 109 5.34 31.06 8.13
C ILE B 109 4.63 32.30 8.70
N ARG B 110 3.77 32.10 9.69
CA ARG B 110 3.07 33.23 10.27
C ARG B 110 3.95 34.11 11.16
N ARG B 111 4.69 33.48 12.07
CA ARG B 111 5.55 34.22 13.00
C ARG B 111 6.92 33.53 13.13
N PRO B 112 7.68 33.52 12.02
CA PRO B 112 9.01 32.91 11.93
C PRO B 112 9.97 33.26 13.05
N GLU B 113 9.77 34.44 13.62
CA GLU B 113 10.63 34.91 14.69
C GLU B 113 10.58 33.95 15.87
N LEU B 114 9.40 33.35 16.03
CA LEU B 114 9.09 32.42 17.11
C LEU B 114 9.79 31.05 17.02
N PHE B 115 10.23 30.66 15.83
CA PHE B 115 10.90 29.37 15.62
C PHE B 115 12.33 29.47 15.12
N SER B 116 13.21 28.64 15.70
CA SER B 116 14.60 28.62 15.35
C SER B 116 14.92 27.55 14.31
N HIS B 117 14.20 26.43 14.41
CA HIS B 117 14.37 25.30 13.51
C HIS B 117 13.08 24.55 13.45
N LEU B 118 12.84 23.91 12.31
CA LEU B 118 11.67 23.11 12.09
C LEU B 118 12.18 21.70 11.80
N VAL B 119 12.05 20.79 12.75
CA VAL B 119 12.50 19.43 12.53
C VAL B 119 11.28 18.67 12.08
N MET B 120 11.30 18.22 10.84
CA MET B 120 10.17 17.50 10.29
C MET B 120 10.44 16.01 10.19
N VAL B 121 9.60 15.23 10.86
CA VAL B 121 9.72 13.80 10.89
C VAL B 121 8.69 13.21 9.93
N GLY B 122 9.14 12.80 8.75
CA GLY B 122 8.26 12.23 7.76
C GLY B 122 7.22 13.20 7.26
N PRO B 123 7.63 14.42 6.89
CA PRO B 123 6.68 15.43 6.39
C PRO B 123 6.16 15.19 4.98
N SER B 124 5.14 15.94 4.61
CA SER B 124 4.57 15.87 3.29
C SER B 124 3.62 17.02 3.00
N PRO B 125 3.97 17.82 1.99
CA PRO B 125 3.16 18.97 1.59
C PRO B 125 1.95 18.56 0.79
N CYS B 126 1.91 17.29 0.38
CA CYS B 126 0.79 16.80 -0.43
C CYS B 126 0.76 15.27 -0.55
N TYR B 127 -0.40 14.71 -0.26
CA TYR B 127 -0.57 13.25 -0.32
C TYR B 127 -1.08 12.72 -1.65
N LEU B 128 -0.97 13.52 -2.70
CA LEU B 128 -1.43 13.06 -3.99
C LEU B 128 -0.30 12.89 -4.98
N ASN B 129 -0.44 11.92 -5.87
CA ASN B 129 0.55 11.72 -6.91
C ASN B 129 0.20 12.76 -7.99
N ASP B 130 1.22 13.38 -8.57
CA ASP B 130 0.99 14.41 -9.57
C ASP B 130 2.23 14.49 -10.48
N PRO B 131 2.61 13.36 -11.10
CA PRO B 131 3.78 13.30 -11.99
C PRO B 131 3.61 14.08 -13.28
N PRO B 132 4.73 14.37 -13.97
CA PRO B 132 6.07 13.98 -13.53
C PRO B 132 6.63 14.99 -12.52
N GLU B 133 5.77 15.87 -12.05
CA GLU B 133 6.16 16.89 -11.10
C GLU B 133 6.26 16.38 -9.65
N TYR B 134 5.16 15.84 -9.13
CA TYR B 134 5.11 15.38 -7.75
C TYR B 134 4.53 13.97 -7.53
N TYR B 135 5.27 13.12 -6.83
CA TYR B 135 4.77 11.78 -6.53
C TYR B 135 4.38 11.78 -5.03
N GLY B 136 3.19 12.32 -4.74
CA GLY B 136 2.74 12.36 -3.35
C GLY B 136 2.64 10.99 -2.75
N GLY B 137 2.13 10.04 -3.55
CA GLY B 137 2.00 8.68 -3.09
C GLY B 137 0.60 8.11 -3.20
N PHE B 138 -0.41 8.97 -3.26
CA PHE B 138 -1.79 8.48 -3.35
C PHE B 138 -2.55 9.03 -4.55
N GLU B 139 -3.79 8.55 -4.69
CA GLU B 139 -4.66 8.99 -5.77
C GLU B 139 -5.88 9.64 -5.16
N GLU B 140 -6.37 10.68 -5.81
CA GLU B 140 -7.54 11.37 -5.34
C GLU B 140 -8.53 10.33 -4.85
N GLU B 141 -8.66 9.25 -5.62
CA GLU B 141 -9.59 8.16 -5.32
C GLU B 141 -9.16 7.35 -4.10
N GLN B 142 -7.86 7.09 -4.01
CA GLN B 142 -7.31 6.34 -2.88
C GLN B 142 -7.48 7.13 -1.58
N LEU B 143 -7.11 8.41 -1.59
CA LEU B 143 -7.27 9.24 -0.40
C LEU B 143 -8.75 9.21 -0.02
N LEU B 144 -9.60 9.56 -0.98
CA LEU B 144 -11.03 9.56 -0.75
C LEU B 144 -11.44 8.18 -0.25
N GLY B 145 -10.69 7.17 -0.68
CA GLY B 145 -10.96 5.80 -0.27
C GLY B 145 -10.89 5.67 1.24
N LEU B 146 -9.79 6.14 1.82
CA LEU B 146 -9.59 6.10 3.26
C LEU B 146 -10.67 6.93 3.94
N LEU B 147 -10.88 8.15 3.47
CA LEU B 147 -11.92 9.00 4.05
C LEU B 147 -13.20 8.21 4.14
N GLU B 148 -13.63 7.65 3.01
CA GLU B 148 -14.82 6.82 2.94
C GLU B 148 -14.88 5.82 4.11
N MET B 149 -13.88 4.95 4.18
CA MET B 149 -13.79 3.94 5.23
C MET B 149 -13.92 4.57 6.61
N MET B 150 -13.46 5.82 6.74
CA MET B 150 -13.53 6.51 8.02
C MET B 150 -14.96 6.74 8.47
N GLU B 151 -15.83 7.09 7.54
CA GLU B 151 -17.23 7.33 7.87
C GLU B 151 -17.95 6.02 8.16
N LYS B 152 -18.15 5.20 7.15
CA LYS B 152 -18.85 3.92 7.29
C LYS B 152 -18.42 3.11 8.51
N ASN B 153 -17.26 2.47 8.41
CA ASN B 153 -16.72 1.65 9.51
C ASN B 153 -15.45 2.27 10.08
N TYR B 154 -15.61 3.03 11.17
CA TYR B 154 -14.49 3.72 11.81
C TYR B 154 -13.43 2.88 12.55
N ILE B 155 -13.85 2.09 13.54
CA ILE B 155 -12.93 1.27 14.31
C ILE B 155 -12.12 0.32 13.39
N GLY B 156 -12.72 -0.10 12.29
CA GLY B 156 -12.02 -0.96 11.36
C GLY B 156 -10.98 -0.11 10.64
N TRP B 157 -11.38 1.08 10.21
CA TRP B 157 -10.48 2.00 9.54
C TRP B 157 -9.20 2.19 10.37
N ALA B 158 -9.37 2.37 11.68
CA ALA B 158 -8.26 2.59 12.59
C ALA B 158 -7.13 1.58 12.45
N THR B 159 -7.49 0.31 12.31
CA THR B 159 -6.47 -0.72 12.16
C THR B 159 -5.93 -0.80 10.72
N VAL B 160 -6.79 -0.52 9.75
CA VAL B 160 -6.34 -0.53 8.36
C VAL B 160 -5.33 0.61 8.18
N PHE B 161 -5.62 1.76 8.77
CA PHE B 161 -4.74 2.90 8.65
C PHE B 161 -3.48 2.81 9.51
N ALA B 162 -3.62 2.17 10.67
CA ALA B 162 -2.50 2.00 11.58
C ALA B 162 -1.51 1.05 10.93
N ALA B 163 -2.03 0.07 10.19
CA ALA B 163 -1.17 -0.89 9.52
C ALA B 163 -0.48 -0.21 8.33
N THR B 164 -1.23 0.57 7.58
CA THR B 164 -0.68 1.27 6.42
C THR B 164 0.40 2.27 6.83
N VAL B 165 0.15 2.99 7.92
CA VAL B 165 1.10 3.99 8.42
C VAL B 165 2.36 3.37 8.98
N LEU B 166 2.23 2.38 9.86
CA LEU B 166 3.38 1.74 10.49
C LEU B 166 4.19 0.93 9.47
N ASN B 167 3.49 0.32 8.53
CA ASN B 167 4.07 -0.46 7.44
C ASN B 167 5.15 -1.42 7.88
N GLN B 168 4.96 -2.02 9.05
CA GLN B 168 5.91 -2.97 9.63
C GLN B 168 5.17 -4.13 10.30
N PRO B 169 4.88 -5.21 9.54
CA PRO B 169 4.17 -6.39 10.01
C PRO B 169 4.73 -7.12 11.24
N ASP B 170 6.04 -7.15 11.40
CA ASP B 170 6.60 -7.81 12.58
C ASP B 170 6.86 -6.83 13.73
N ARG B 171 6.09 -5.75 13.76
CA ARG B 171 6.20 -4.76 14.82
C ARG B 171 4.76 -4.50 15.24
N PRO B 172 4.03 -5.58 15.58
CA PRO B 172 2.62 -5.54 16.01
C PRO B 172 2.36 -4.72 17.27
N GLU B 173 3.33 -4.69 18.19
CA GLU B 173 3.16 -3.92 19.41
C GLU B 173 2.89 -2.48 18.98
N ILE B 174 3.76 -1.93 18.17
CA ILE B 174 3.59 -0.57 17.69
C ILE B 174 2.25 -0.41 16.94
N LYS B 175 1.96 -1.34 16.04
CA LYS B 175 0.72 -1.30 15.27
C LYS B 175 -0.48 -1.21 16.22
N GLU B 176 -0.46 -2.05 17.25
CA GLU B 176 -1.51 -2.10 18.25
C GLU B 176 -1.73 -0.73 18.92
N GLU B 177 -0.65 -0.15 19.44
CA GLU B 177 -0.73 1.15 20.08
C GLU B 177 -1.31 2.18 19.11
N LEU B 178 -0.65 2.33 17.96
CA LEU B 178 -1.05 3.27 16.93
C LEU B 178 -2.52 3.07 16.61
N GLU B 179 -2.89 1.81 16.53
CA GLU B 179 -4.24 1.40 16.25
C GLU B 179 -5.18 1.98 17.33
N SER B 180 -4.75 1.84 18.58
CA SER B 180 -5.47 2.31 19.75
C SER B 180 -5.54 3.83 19.84
N ARG B 181 -4.47 4.51 19.45
CA ARG B 181 -4.47 5.96 19.48
C ARG B 181 -5.53 6.46 18.51
N PHE B 182 -5.63 5.80 17.35
CA PHE B 182 -6.61 6.18 16.35
C PHE B 182 -8.02 5.91 16.85
N CYS B 183 -8.21 4.79 17.52
CA CYS B 183 -9.52 4.43 18.03
C CYS B 183 -10.04 5.41 19.05
N SER B 184 -9.13 5.90 19.91
CA SER B 184 -9.46 6.84 20.97
C SER B 184 -9.82 8.25 20.52
N THR B 185 -9.85 8.47 19.21
CA THR B 185 -10.19 9.78 18.65
C THR B 185 -11.65 9.85 18.18
N ASP B 186 -12.33 10.95 18.49
CA ASP B 186 -13.73 11.11 18.06
C ASP B 186 -13.80 10.95 16.55
N PRO B 187 -14.75 10.13 16.06
CA PRO B 187 -14.95 9.87 14.64
C PRO B 187 -15.20 11.10 13.77
N VAL B 188 -16.00 12.03 14.27
CA VAL B 188 -16.29 13.25 13.51
C VAL B 188 -15.05 14.12 13.39
N ILE B 189 -14.38 14.32 14.52
CA ILE B 189 -13.17 15.14 14.55
C ILE B 189 -12.03 14.45 13.80
N ALA B 190 -11.89 13.14 14.01
CA ALA B 190 -10.86 12.36 13.32
C ALA B 190 -10.99 12.64 11.83
N ARG B 191 -12.24 12.61 11.36
CA ARG B 191 -12.56 12.87 9.96
C ARG B 191 -12.11 14.25 9.52
N GLN B 192 -12.59 15.29 10.19
CA GLN B 192 -12.23 16.67 9.84
C GLN B 192 -10.73 16.78 9.67
N PHE B 193 -10.01 16.28 10.67
CA PHE B 193 -8.54 16.31 10.72
C PHE B 193 -7.94 15.53 9.54
N ALA B 194 -8.42 14.31 9.32
CA ALA B 194 -7.94 13.47 8.21
C ALA B 194 -8.19 14.20 6.89
N LYS B 195 -9.39 14.76 6.76
CA LYS B 195 -9.78 15.49 5.58
C LYS B 195 -8.79 16.62 5.36
N ALA B 196 -8.51 17.36 6.44
CA ALA B 196 -7.59 18.47 6.40
C ALA B 196 -6.16 18.10 6.00
N ALA B 197 -5.70 16.92 6.41
CA ALA B 197 -4.34 16.47 6.09
C ALA B 197 -4.17 15.87 4.69
N PHE B 198 -4.99 14.87 4.35
CA PHE B 198 -4.95 14.22 3.05
C PHE B 198 -5.13 15.18 1.88
N PHE B 199 -6.25 15.90 1.92
CA PHE B 199 -6.60 16.86 0.89
C PHE B 199 -6.03 18.24 1.16
N SER B 200 -4.75 18.26 1.47
CA SER B 200 -4.03 19.49 1.75
C SER B 200 -2.85 19.50 0.79
N ASP B 201 -2.59 20.65 0.19
CA ASP B 201 -1.49 20.78 -0.74
C ASP B 201 -0.69 22.03 -0.43
N HIS B 202 0.35 21.90 0.37
CA HIS B 202 1.13 23.06 0.74
C HIS B 202 2.45 23.16 -0.02
N ARG B 203 2.45 22.71 -1.28
CA ARG B 203 3.66 22.78 -2.10
C ARG B 203 4.08 24.22 -2.39
N GLU B 204 3.10 25.09 -2.63
CA GLU B 204 3.39 26.49 -2.90
C GLU B 204 4.03 27.14 -1.69
N ASP B 205 3.37 26.98 -0.54
CA ASP B 205 3.83 27.54 0.72
C ASP B 205 5.29 27.22 1.03
N LEU B 206 5.76 26.10 0.51
CA LEU B 206 7.15 25.68 0.75
C LEU B 206 8.13 26.83 0.54
N SER B 207 8.02 27.51 -0.60
CA SER B 207 8.92 28.61 -0.92
C SER B 207 8.98 29.67 0.19
N LYS B 208 7.84 29.93 0.82
CA LYS B 208 7.71 30.93 1.88
C LYS B 208 8.46 30.67 3.18
N VAL B 209 8.64 29.40 3.54
CA VAL B 209 9.34 29.03 4.77
C VAL B 209 10.63 29.83 5.03
N THR B 210 10.68 30.54 6.16
CA THR B 210 11.86 31.33 6.46
C THR B 210 12.81 30.68 7.47
N VAL B 211 12.28 29.80 8.31
CA VAL B 211 13.10 29.14 9.32
C VAL B 211 13.83 27.92 8.79
N PRO B 212 15.04 27.65 9.31
CA PRO B 212 15.80 26.47 8.87
C PRO B 212 14.96 25.24 9.15
N SER B 213 15.43 24.07 8.72
CA SER B 213 14.68 22.84 8.96
C SER B 213 15.42 21.57 8.56
N LEU B 214 15.19 20.52 9.34
CA LEU B 214 15.77 19.20 9.07
C LEU B 214 14.65 18.31 8.56
N ILE B 215 14.82 17.74 7.38
CA ILE B 215 13.80 16.87 6.83
C ILE B 215 14.21 15.43 7.07
N LEU B 216 13.60 14.81 8.06
CA LEU B 216 13.90 13.43 8.38
C LEU B 216 12.95 12.60 7.49
N GLN B 217 13.55 11.85 6.56
CA GLN B 217 12.82 11.00 5.62
C GLN B 217 12.94 9.54 5.98
N CYS B 218 11.81 8.85 5.97
CA CYS B 218 11.79 7.44 6.30
C CYS B 218 11.95 6.53 5.08
N ALA B 219 12.42 5.32 5.35
CA ALA B 219 12.61 4.30 4.32
C ALA B 219 11.32 3.49 4.18
N ASP B 220 10.92 3.24 2.94
CA ASP B 220 9.72 2.45 2.70
C ASP B 220 8.52 3.04 3.42
N ASP B 221 8.14 4.26 3.03
CA ASP B 221 7.01 4.91 3.64
C ASP B 221 5.81 4.99 2.70
N ILE B 222 4.77 4.24 3.03
CA ILE B 222 3.53 4.19 2.24
C ILE B 222 2.73 5.50 2.36
N ILE B 223 3.11 6.33 3.33
CA ILE B 223 2.40 7.59 3.57
C ILE B 223 3.15 8.79 3.01
N ALA B 224 4.45 8.83 3.22
CA ALA B 224 5.28 9.90 2.71
C ALA B 224 6.53 9.24 2.13
N PRO B 225 6.44 8.77 0.87
CA PRO B 225 7.54 8.11 0.16
C PRO B 225 8.78 8.98 0.03
N ALA B 226 9.94 8.33 -0.06
CA ALA B 226 11.21 9.04 -0.19
C ALA B 226 11.16 10.06 -1.31
N THR B 227 10.05 10.04 -2.06
CA THR B 227 9.85 10.97 -3.16
C THR B 227 9.60 12.38 -2.64
N VAL B 228 8.55 12.51 -1.82
CA VAL B 228 8.17 13.79 -1.25
C VAL B 228 9.24 14.34 -0.30
N GLY B 229 10.02 13.45 0.30
CA GLY B 229 11.07 13.91 1.19
C GLY B 229 12.08 14.69 0.36
N LYS B 230 12.54 14.07 -0.72
CA LYS B 230 13.51 14.66 -1.64
C LYS B 230 12.98 15.92 -2.34
N TYR B 231 11.67 16.01 -2.51
CA TYR B 231 11.05 17.18 -3.14
C TYR B 231 10.99 18.37 -2.19
N MET B 232 10.66 18.10 -0.94
CA MET B 232 10.57 19.17 0.05
C MET B 232 11.95 19.78 0.22
N HIS B 233 12.94 18.93 0.36
CA HIS B 233 14.30 19.42 0.52
C HIS B 233 14.66 20.41 -0.55
N GLN B 234 14.05 20.22 -1.73
CA GLN B 234 14.28 21.10 -2.87
C GLN B 234 13.65 22.47 -2.68
N HIS B 235 12.32 22.52 -2.73
CA HIS B 235 11.57 23.76 -2.60
C HIS B 235 11.57 24.49 -1.26
N LEU B 236 12.25 23.94 -0.25
CA LEU B 236 12.32 24.58 1.06
C LEU B 236 13.64 25.36 1.12
N PRO B 237 13.56 26.71 1.05
CA PRO B 237 14.68 27.65 1.08
C PRO B 237 15.91 27.18 1.83
N TYR B 238 15.84 27.11 3.15
CA TYR B 238 16.99 26.62 3.91
C TYR B 238 16.49 25.31 4.51
N SER B 239 17.23 24.23 4.30
CA SER B 239 16.82 22.92 4.84
C SER B 239 17.85 21.83 4.62
N SER B 240 17.94 20.91 5.56
CA SER B 240 18.84 19.76 5.44
C SER B 240 17.92 18.59 5.10
N LEU B 241 18.49 17.45 4.71
CA LEU B 241 17.65 16.30 4.36
C LEU B 241 18.27 14.94 4.62
N LYS B 242 18.10 14.44 5.84
CA LYS B 242 18.65 13.14 6.20
C LYS B 242 17.65 12.05 5.79
N GLN B 243 18.18 10.87 5.43
CA GLN B 243 17.34 9.77 5.06
C GLN B 243 17.53 8.78 6.18
N MET B 244 16.45 8.37 6.83
CA MET B 244 16.60 7.45 7.95
C MET B 244 16.64 5.99 7.52
N GLU B 245 17.25 5.17 8.34
CA GLU B 245 17.30 3.75 8.08
C GLU B 245 15.95 3.18 8.50
N ALA B 246 15.28 3.89 9.41
CA ALA B 246 13.98 3.49 9.92
C ALA B 246 12.92 3.27 8.83
N ARG B 247 12.07 2.26 9.05
CA ARG B 247 11.00 1.95 8.12
C ARG B 247 9.69 2.62 8.53
N GLY B 248 8.72 2.61 7.63
CA GLY B 248 7.41 3.17 7.93
C GLY B 248 7.31 4.68 8.11
N HIS B 249 6.16 5.12 8.60
CA HIS B 249 5.91 6.54 8.78
C HIS B 249 6.07 7.01 10.23
N CYS B 250 6.27 6.07 11.16
CA CYS B 250 6.39 6.42 12.57
C CYS B 250 7.72 6.08 13.21
N PRO B 251 8.79 6.73 12.77
CA PRO B 251 10.11 6.44 13.36
C PRO B 251 10.21 6.74 14.87
N HIS B 252 9.44 7.74 15.33
CA HIS B 252 9.44 8.14 16.73
C HIS B 252 8.93 7.09 17.69
N MET B 253 8.20 6.11 17.20
CA MET B 253 7.76 5.07 18.10
C MET B 253 8.44 3.74 17.80
N SER B 254 8.72 3.48 16.52
CA SER B 254 9.37 2.23 16.14
C SER B 254 10.91 2.28 16.20
N HIS B 255 11.50 3.45 15.95
CA HIS B 255 12.96 3.57 15.97
C HIS B 255 13.42 4.85 16.70
N PRO B 256 13.01 5.00 17.95
CA PRO B 256 13.39 6.18 18.73
C PRO B 256 14.88 6.55 18.73
N ASP B 257 15.73 5.59 19.08
CA ASP B 257 17.17 5.81 19.13
C ASP B 257 17.76 6.53 17.93
N GLU B 258 17.33 6.13 16.72
CA GLU B 258 17.83 6.78 15.52
C GLU B 258 17.22 8.16 15.40
N THR B 259 15.97 8.30 15.84
CA THR B 259 15.28 9.59 15.78
C THR B 259 15.93 10.57 16.78
N ILE B 260 16.34 10.05 17.93
CA ILE B 260 16.98 10.87 18.96
C ILE B 260 18.35 11.33 18.51
N GLN B 261 19.03 10.43 17.80
CA GLN B 261 20.38 10.69 17.31
C GLN B 261 20.35 11.70 16.17
N LEU B 262 19.43 11.51 15.22
CA LEU B 262 19.35 12.43 14.11
C LEU B 262 18.99 13.86 14.51
N ILE B 263 17.94 14.02 15.31
CA ILE B 263 17.53 15.36 15.73
C ILE B 263 18.62 15.96 16.65
N GLY B 264 19.17 15.12 17.53
CA GLY B 264 20.23 15.59 18.41
C GLY B 264 21.41 16.17 17.64
N ASP B 265 21.95 15.39 16.70
CA ASP B 265 23.09 15.84 15.90
C ASP B 265 22.76 17.14 15.16
N TYR B 266 21.61 17.16 14.48
CA TYR B 266 21.23 18.37 13.77
C TYR B 266 21.20 19.62 14.65
N LEU B 267 20.85 19.44 15.92
CA LEU B 267 20.82 20.58 16.84
C LEU B 267 22.21 20.92 17.32
N LYS B 268 22.93 19.90 17.78
CA LYS B 268 24.30 20.12 18.26
C LYS B 268 25.04 20.92 17.20
N ALA B 269 24.72 20.62 15.94
CA ALA B 269 25.34 21.26 14.79
C ALA B 269 24.91 22.70 14.49
N HIS B 270 23.67 23.07 14.78
CA HIS B 270 23.26 24.45 14.51
C HIS B 270 23.11 25.24 15.81
N VAL B 271 23.52 24.61 16.91
CA VAL B 271 23.46 25.22 18.24
C VAL B 271 24.24 26.55 18.22
#